data_3WOG
#
_entry.id   3WOG
#
_cell.length_a   76.780
_cell.length_b   195.481
_cell.length_c   97.829
_cell.angle_alpha   90.00
_cell.angle_beta   90.00
_cell.angle_gamma   90.00
#
_symmetry.space_group_name_H-M   'C 2 2 21'
#
loop_
_entity.id
_entity.type
_entity.pdbx_description
1 polymer Erythroagglutinin
2 branched 2-acetamido-2-deoxy-beta-D-glucopyranose-(1-2)-alpha-D-mannopyranose
3 non-polymer 2-acetamido-2-deoxy-beta-D-glucopyranose
4 non-polymer 'MANGANESE (II) ION'
5 non-polymer 'CALCIUM ION'
6 water water
#
_entity_poly.entity_id   1
_entity_poly.type   'polypeptide(L)'
_entity_poly.pdbx_seq_one_letter_code
;ASQTSFSFQRFNETNLILQRDATVSSKGQLRLTNVNDNGEPTLSSLGRAFYSAPIQIWDNTTGAVASFATSFTFNIDVPN
NSGPADGLAFVLLPVGSQPKDKGGLLGLFNNYKYDSNAHTVAVEFDTLYNVHWDPKPRHIGIDVNSIKSIKTTTWDFVKG
ENAEVLITYDSSTKLLVASLVYPSLKTSFIVSDTVDLKSVLPEWVIVGFTATTGITKGNVETNDILSWSFASKLSDGTTS
EALNLANFALNQIL
;
_entity_poly.pdbx_strand_id   A,B
#
loop_
_chem_comp.id
_chem_comp.type
_chem_comp.name
_chem_comp.formula
CA non-polymer 'CALCIUM ION' 'Ca 2'
MAN D-saccharide, alpha linking alpha-D-mannopyranose 'C6 H12 O6'
MN non-polymer 'MANGANESE (II) ION' 'Mn 2'
NAG D-saccharide, beta linking 2-acetamido-2-deoxy-beta-D-glucopyranose 'C8 H15 N O6'
#
# COMPACT_ATOMS: atom_id res chain seq x y z
N ALA A 1 -22.13 7.62 -1.82
CA ALA A 1 -23.17 6.57 -1.74
C ALA A 1 -23.56 5.92 -3.09
N SER A 2 -22.80 6.15 -4.15
CA SER A 2 -22.69 5.15 -5.23
C SER A 2 -21.46 4.32 -4.86
N GLN A 3 -21.59 2.99 -4.85
CA GLN A 3 -20.48 2.10 -4.49
C GLN A 3 -20.49 0.90 -5.42
N THR A 4 -19.30 0.50 -5.87
CA THR A 4 -19.12 -0.68 -6.71
C THR A 4 -17.93 -1.46 -6.20
N SER A 5 -18.05 -2.79 -6.20
CA SER A 5 -16.96 -3.62 -5.69
C SER A 5 -16.99 -4.96 -6.43
N PHE A 6 -15.83 -5.45 -6.87
CA PHE A 6 -15.74 -6.82 -7.38
C PHE A 6 -14.39 -7.43 -7.06
N SER A 7 -14.36 -8.76 -7.01
CA SER A 7 -13.11 -9.45 -6.71
C SER A 7 -13.15 -10.83 -7.35
N PHE A 8 -12.18 -11.10 -8.23
CA PHE A 8 -12.11 -12.35 -8.97
C PHE A 8 -10.77 -13.00 -8.75
N GLN A 9 -10.78 -14.26 -8.33
CA GLN A 9 -9.55 -15.05 -8.26
C GLN A 9 -9.33 -15.81 -9.56
N ARG A 10 -10.40 -15.98 -10.32
CA ARG A 10 -10.33 -16.60 -11.64
C ARG A 10 -11.21 -15.80 -12.54
N PHE A 11 -10.87 -15.76 -13.83
CA PHE A 11 -11.60 -14.91 -14.75
C PHE A 11 -12.43 -15.73 -15.70
N ASN A 12 -13.43 -15.05 -16.24
CA ASN A 12 -14.24 -15.58 -17.32
C ASN A 12 -14.58 -14.44 -18.23
N GLU A 13 -14.68 -14.72 -19.51
CA GLU A 13 -14.93 -13.66 -20.51
C GLU A 13 -16.36 -13.03 -20.42
N THR A 14 -17.29 -13.73 -19.76
CA THR A 14 -18.69 -13.30 -19.78
C THR A 14 -18.89 -11.88 -19.21
N ASN A 15 -18.16 -11.51 -18.16
CA ASN A 15 -18.32 -10.16 -17.56
C ASN A 15 -17.14 -9.23 -17.87
N LEU A 16 -16.41 -9.52 -18.94
CA LEU A 16 -15.29 -8.69 -19.34
C LEU A 16 -15.52 -8.21 -20.75
N ILE A 17 -14.92 -7.05 -21.08
CA ILE A 17 -14.81 -6.59 -22.46
C ILE A 17 -13.36 -6.84 -22.89
N LEU A 18 -13.16 -7.75 -23.86
CA LEU A 18 -11.80 -8.11 -24.31
C LEU A 18 -11.50 -7.50 -25.66
N GLN A 19 -10.32 -6.90 -25.77
CA GLN A 19 -9.95 -6.26 -27.02
C GLN A 19 -8.67 -6.85 -27.59
N ARG A 20 -8.67 -6.98 -28.91
CA ARG A 20 -7.51 -7.46 -29.66
C ARG A 20 -7.02 -8.84 -29.21
N ASP A 21 -5.79 -8.97 -28.68
CA ASP A 21 -5.24 -10.31 -28.38
C ASP A 21 -5.59 -10.86 -27.01
N ALA A 22 -6.30 -10.08 -26.19
CA ALA A 22 -6.60 -10.50 -24.81
C ALA A 22 -7.50 -11.74 -24.82
N THR A 23 -7.20 -12.72 -23.99
CA THR A 23 -8.04 -13.93 -23.88
C THR A 23 -8.17 -14.31 -22.42
N VAL A 24 -9.15 -15.16 -22.11
CA VAL A 24 -9.15 -15.85 -20.83
C VAL A 24 -8.84 -17.33 -21.09
N SER A 25 -7.87 -17.89 -20.36
CA SER A 25 -7.39 -19.26 -20.60
C SER A 25 -8.32 -20.27 -19.94
N SER A 26 -8.12 -21.54 -20.23
CA SER A 26 -8.94 -22.57 -19.63
C SER A 26 -8.62 -22.74 -18.13
N LYS A 27 -7.53 -22.14 -17.66
CA LYS A 27 -7.29 -22.04 -16.23
C LYS A 27 -7.85 -20.74 -15.61
N GLY A 28 -8.58 -19.94 -16.38
CA GLY A 28 -9.18 -18.71 -15.81
C GLY A 28 -8.13 -17.63 -15.51
N GLN A 29 -7.09 -17.60 -16.34
CA GLN A 29 -6.08 -16.58 -16.29
C GLN A 29 -6.40 -15.57 -17.38
N LEU A 30 -6.26 -14.28 -17.08
CA LEU A 30 -6.54 -13.25 -18.06
C LEU A 30 -5.21 -12.95 -18.74
N ARG A 31 -5.06 -13.43 -19.97
CA ARG A 31 -3.81 -13.31 -20.71
C ARG A 31 -3.94 -12.18 -21.70
N LEU A 32 -3.38 -11.03 -21.32
CA LEU A 32 -3.63 -9.81 -22.07
C LEU A 32 -2.98 -9.87 -23.44
N THR A 33 -1.83 -10.53 -23.56
CA THR A 33 -1.12 -10.58 -24.85
C THR A 33 -0.99 -12.01 -25.34
N ASN A 34 -0.72 -12.18 -26.63
CA ASN A 34 -0.79 -13.50 -27.24
C ASN A 34 0.28 -14.47 -26.75
N VAL A 35 -0.16 -15.70 -26.47
CA VAL A 35 0.76 -16.80 -26.13
C VAL A 35 0.43 -17.98 -27.06
N ASN A 36 1.44 -18.59 -27.68
CA ASN A 36 1.15 -19.66 -28.66
C ASN A 36 0.87 -21.00 -27.99
N ASP A 37 0.60 -22.04 -28.79
CA ASP A 37 0.28 -23.37 -28.23
C ASP A 37 1.44 -24.02 -27.50
N ASN A 38 2.67 -23.54 -27.73
CA ASN A 38 3.82 -24.00 -26.95
C ASN A 38 3.98 -23.26 -25.62
N GLY A 39 3.11 -22.28 -25.38
CA GLY A 39 3.21 -21.46 -24.18
C GLY A 39 4.26 -20.38 -24.31
N GLU A 40 4.56 -19.99 -25.54
CA GLU A 40 5.55 -18.93 -25.79
C GLU A 40 4.87 -17.66 -26.25
N PRO A 41 5.21 -16.50 -25.62
CA PRO A 41 4.58 -15.25 -26.02
C PRO A 41 5.09 -14.83 -27.38
N THR A 42 4.27 -14.13 -28.15
CA THR A 42 4.66 -13.76 -29.51
C THR A 42 4.85 -12.25 -29.64
N LEU A 43 5.49 -11.82 -30.73
CA LEU A 43 5.88 -10.41 -30.92
C LEU A 43 4.73 -9.55 -31.42
N SER A 44 4.82 -8.24 -31.18
CA SER A 44 3.84 -7.26 -31.66
C SER A 44 2.41 -7.58 -31.22
N SER A 45 2.29 -8.10 -30.00
CA SER A 45 0.97 -8.40 -29.46
C SER A 45 0.43 -7.17 -28.70
N LEU A 46 -0.90 -7.02 -28.73
CA LEU A 46 -1.60 -5.98 -27.97
C LEU A 46 -2.94 -6.55 -27.51
N GLY A 47 -3.22 -6.45 -26.21
CA GLY A 47 -4.53 -6.85 -25.67
C GLY A 47 -4.98 -5.90 -24.56
N ARG A 48 -6.30 -5.71 -24.44
CA ARG A 48 -6.85 -4.90 -23.35
C ARG A 48 -8.10 -5.62 -22.81
N ALA A 49 -8.39 -5.46 -21.53
CA ALA A 49 -9.55 -6.13 -20.94
C ALA A 49 -10.15 -5.20 -19.94
N PHE A 50 -11.48 -5.14 -19.91
CA PHE A 50 -12.19 -4.26 -18.98
C PHE A 50 -13.37 -4.96 -18.31
N TYR A 51 -13.68 -4.52 -17.09
CA TYR A 51 -14.94 -4.89 -16.47
C TYR A 51 -16.13 -4.41 -17.33
N SER A 52 -17.13 -5.26 -17.51
CA SER A 52 -18.20 -4.88 -18.43
C SER A 52 -19.07 -3.71 -17.96
N ALA A 53 -19.11 -3.40 -16.66
CA ALA A 53 -19.91 -2.24 -16.23
C ALA A 53 -19.06 -0.97 -16.17
N PRO A 54 -19.53 0.14 -16.79
CA PRO A 54 -18.85 1.43 -16.61
C PRO A 54 -18.93 1.86 -15.15
N ILE A 55 -17.95 2.66 -14.74
CA ILE A 55 -17.80 3.07 -13.33
C ILE A 55 -17.85 4.60 -13.32
N GLN A 56 -18.64 5.18 -12.42
CA GLN A 56 -18.69 6.65 -12.34
C GLN A 56 -17.53 7.21 -11.50
N ILE A 57 -16.68 8.00 -12.14
CA ILE A 57 -15.49 8.55 -11.50
C ILE A 57 -15.76 9.94 -10.87
N TRP A 58 -16.62 10.72 -11.51
CA TRP A 58 -17.04 11.98 -10.92
C TRP A 58 -18.40 12.41 -11.39
N ASP A 59 -18.87 13.54 -10.87
CA ASP A 59 -20.25 13.98 -11.10
C ASP A 59 -20.26 15.48 -11.32
N ASN A 60 -20.76 15.90 -12.48
CA ASN A 60 -20.65 17.27 -12.97
C ASN A 60 -21.66 18.21 -12.31
N THR A 61 -22.65 17.62 -11.63
CA THR A 61 -23.64 18.36 -10.82
C THR A 61 -23.09 18.73 -9.45
N THR A 62 -22.63 17.74 -8.70
CA THR A 62 -22.19 17.96 -7.33
C THR A 62 -20.71 18.29 -7.28
N GLY A 63 -20.01 18.08 -8.39
CA GLY A 63 -18.55 18.17 -8.39
C GLY A 63 -17.85 17.07 -7.60
N ALA A 64 -18.58 16.09 -7.09
CA ALA A 64 -17.96 15.01 -6.31
C ALA A 64 -17.06 14.15 -7.20
N VAL A 65 -15.98 13.64 -6.61
CA VAL A 65 -15.03 12.75 -7.27
C VAL A 65 -14.90 11.47 -6.46
N ALA A 66 -14.89 10.33 -7.15
CA ALA A 66 -14.78 9.02 -6.50
C ALA A 66 -13.43 8.80 -5.89
N SER A 67 -13.42 8.05 -4.79
CA SER A 67 -12.23 7.40 -4.31
C SER A 67 -12.29 5.96 -4.79
N PHE A 68 -11.15 5.40 -5.16
CA PHE A 68 -11.11 3.99 -5.57
C PHE A 68 -9.83 3.29 -5.14
N ALA A 69 -9.88 1.97 -5.20
CA ALA A 69 -8.70 1.18 -4.96
C ALA A 69 -8.82 -0.09 -5.80
N THR A 70 -7.68 -0.57 -6.28
CA THR A 70 -7.69 -1.83 -7.00
C THR A 70 -6.45 -2.64 -6.59
N SER A 71 -6.62 -3.94 -6.41
CA SER A 71 -5.49 -4.84 -6.24
C SER A 71 -5.50 -5.88 -7.35
N PHE A 72 -4.33 -6.33 -7.78
CA PHE A 72 -4.26 -7.44 -8.74
C PHE A 72 -2.92 -8.15 -8.64
N THR A 73 -2.95 -9.44 -8.97
CA THR A 73 -1.74 -10.23 -9.13
C THR A 73 -1.44 -10.41 -10.60
N PHE A 74 -0.18 -10.12 -10.97
CA PHE A 74 0.21 -10.38 -12.34
C PHE A 74 1.47 -11.22 -12.47
N ASN A 75 1.60 -11.90 -13.61
CA ASN A 75 2.80 -12.68 -13.86
C ASN A 75 3.35 -12.32 -15.23
N ILE A 76 4.51 -11.71 -15.24
CA ILE A 76 5.18 -11.42 -16.50
C ILE A 76 6.38 -12.35 -16.57
N ASP A 77 6.43 -13.18 -17.61
CA ASP A 77 7.55 -14.10 -17.75
C ASP A 77 8.18 -13.93 -19.13
N VAL A 78 9.42 -14.41 -19.27
CA VAL A 78 10.25 -14.14 -20.43
C VAL A 78 10.91 -15.46 -20.84
N PRO A 79 10.89 -15.80 -22.14
CA PRO A 79 11.62 -16.99 -22.56
C PRO A 79 13.12 -16.74 -22.45
N ASN A 80 13.87 -17.78 -22.09
CA ASN A 80 15.33 -17.71 -22.08
C ASN A 80 15.89 -17.11 -23.37
N ASN A 81 16.95 -16.30 -23.29
CA ASN A 81 17.52 -15.66 -24.48
C ASN A 81 16.66 -14.59 -25.15
N SER A 82 15.62 -14.15 -24.44
CA SER A 82 14.97 -12.88 -24.73
C SER A 82 15.08 -11.99 -23.50
N GLY A 83 14.78 -10.71 -23.69
CA GLY A 83 14.56 -9.80 -22.59
C GLY A 83 13.09 -9.38 -22.64
N PRO A 84 12.60 -8.79 -21.54
CA PRO A 84 11.17 -8.47 -21.49
C PRO A 84 10.79 -7.28 -22.39
N ALA A 85 9.54 -7.24 -22.86
CA ALA A 85 8.92 -6.04 -23.45
C ALA A 85 7.44 -6.32 -23.72
N ASP A 86 6.55 -5.32 -23.65
CA ASP A 86 6.81 -3.92 -23.26
C ASP A 86 6.29 -3.54 -21.88
N GLY A 87 5.27 -4.27 -21.43
CA GLY A 87 4.79 -4.14 -20.06
C GLY A 87 3.27 -4.18 -20.03
N LEU A 88 2.70 -3.85 -18.88
CA LEU A 88 1.24 -3.83 -18.72
C LEU A 88 0.83 -2.62 -17.87
N ALA A 89 -0.44 -2.24 -17.93
CA ALA A 89 -0.92 -1.09 -17.19
C ALA A 89 -2.36 -1.32 -16.74
N PHE A 90 -2.67 -0.89 -15.52
CA PHE A 90 -4.04 -0.71 -15.06
C PHE A 90 -4.48 0.66 -15.57
N VAL A 91 -5.71 0.74 -16.10
CA VAL A 91 -6.17 1.96 -16.78
C VAL A 91 -7.61 2.40 -16.43
N LEU A 92 -7.86 3.70 -16.59
CA LEU A 92 -9.21 4.25 -16.57
C LEU A 92 -9.34 5.02 -17.90
N LEU A 93 -10.31 4.58 -18.73
CA LEU A 93 -10.53 5.12 -20.07
C LEU A 93 -12.01 5.45 -20.33
N PRO A 94 -12.29 6.30 -21.34
CA PRO A 94 -13.67 6.55 -21.78
C PRO A 94 -14.37 5.27 -22.14
N VAL A 95 -15.66 5.20 -21.82
CA VAL A 95 -16.52 4.11 -22.29
C VAL A 95 -16.39 4.06 -23.80
N GLY A 96 -16.24 2.85 -24.36
CA GLY A 96 -16.13 2.69 -25.80
C GLY A 96 -14.72 2.87 -26.36
N SER A 97 -13.76 3.17 -25.51
CA SER A 97 -12.34 3.30 -25.92
C SER A 97 -11.84 2.07 -26.68
N GLN A 98 -11.17 2.35 -27.80
CA GLN A 98 -10.54 1.36 -28.67
C GLN A 98 -8.99 1.40 -28.53
N PRO A 99 -8.30 0.27 -28.82
CA PRO A 99 -6.83 0.22 -28.67
C PRO A 99 -6.09 1.23 -29.56
N LYS A 100 -5.01 1.81 -29.03
CA LYS A 100 -4.13 2.69 -29.81
C LYS A 100 -2.87 1.93 -30.23
N ASP A 101 -1.73 2.61 -30.34
CA ASP A 101 -0.53 1.95 -30.91
C ASP A 101 0.11 0.92 -29.98
N LYS A 102 0.75 -0.09 -30.58
CA LYS A 102 1.31 -1.20 -29.83
C LYS A 102 2.73 -0.89 -29.28
N GLY A 103 3.47 -1.91 -28.86
CA GLY A 103 4.83 -1.72 -28.35
C GLY A 103 4.90 -0.81 -27.15
N GLY A 104 5.88 0.10 -27.14
CA GLY A 104 6.10 0.97 -25.99
C GLY A 104 4.99 1.97 -25.69
N LEU A 105 4.04 2.14 -26.59
CA LEU A 105 2.89 3.01 -26.34
C LEU A 105 1.75 2.30 -25.59
N LEU A 106 1.97 1.01 -25.33
CA LEU A 106 1.12 0.18 -24.45
C LEU A 106 -0.37 0.06 -24.85
N GLY A 107 -0.67 0.32 -26.12
CA GLY A 107 -2.07 0.33 -26.58
C GLY A 107 -2.87 1.57 -26.15
N LEU A 108 -2.19 2.57 -25.58
CA LEU A 108 -2.84 3.73 -25.01
C LEU A 108 -2.62 5.03 -25.76
N PHE A 109 -1.53 5.14 -26.50
CA PHE A 109 -1.23 6.40 -27.17
C PHE A 109 -0.85 6.18 -28.62
N ASN A 110 -0.77 7.28 -29.38
CA ASN A 110 -0.42 7.24 -30.79
C ASN A 110 1.00 7.74 -31.02
N ASN A 111 1.52 8.46 -30.03
CA ASN A 111 2.87 9.00 -30.08
C ASN A 111 3.27 9.31 -28.65
N TYR A 112 4.42 9.94 -28.45
CA TYR A 112 4.86 10.24 -27.11
C TYR A 112 4.69 11.66 -26.61
N LYS A 113 3.88 12.45 -27.32
CA LYS A 113 3.55 13.81 -26.84
C LYS A 113 2.36 13.77 -25.87
N TYR A 114 2.22 14.80 -25.03
CA TYR A 114 1.04 15.01 -24.21
C TYR A 114 -0.18 15.18 -25.13
N ASP A 115 -1.31 14.63 -24.73
CA ASP A 115 -2.54 14.80 -25.49
C ASP A 115 -3.67 14.99 -24.51
N SER A 116 -4.09 16.25 -24.33
CA SER A 116 -5.11 16.58 -23.32
C SER A 116 -6.50 16.04 -23.64
N ASN A 117 -6.66 15.43 -24.82
CA ASN A 117 -7.91 14.76 -25.15
C ASN A 117 -7.79 13.23 -25.20
N ALA A 118 -6.70 12.70 -24.63
CA ALA A 118 -6.53 11.25 -24.54
C ALA A 118 -7.42 10.67 -23.44
N HIS A 119 -7.83 11.49 -22.48
CA HIS A 119 -8.67 11.06 -21.35
C HIS A 119 -8.19 9.77 -20.73
N THR A 120 -6.92 9.75 -20.34
CA THR A 120 -6.26 8.52 -19.93
C THR A 120 -5.55 8.69 -18.61
N VAL A 121 -5.88 7.84 -17.66
CA VAL A 121 -5.10 7.74 -16.43
C VAL A 121 -4.71 6.25 -16.27
N ALA A 122 -3.42 5.99 -16.13
CA ALA A 122 -2.94 4.61 -16.07
C ALA A 122 -1.80 4.49 -15.07
N VAL A 123 -1.66 3.29 -14.49
CA VAL A 123 -0.46 2.97 -13.72
C VAL A 123 0.26 1.88 -14.53
N GLU A 124 1.45 2.20 -15.04
CA GLU A 124 2.20 1.29 -15.91
C GLU A 124 3.25 0.51 -15.16
N PHE A 125 3.51 -0.70 -15.65
CA PHE A 125 4.56 -1.54 -15.15
C PHE A 125 5.36 -1.80 -16.41
N ASP A 126 6.41 -1.00 -16.58
CA ASP A 126 7.10 -0.81 -17.87
C ASP A 126 8.40 -1.61 -17.82
N THR A 127 8.52 -2.62 -18.68
CA THR A 127 9.69 -3.51 -18.62
C THR A 127 10.72 -3.21 -19.70
N LEU A 128 10.52 -2.16 -20.49
CA LEU A 128 11.47 -1.85 -21.55
C LEU A 128 11.71 -0.35 -21.67
N TYR A 129 12.99 0.02 -21.54
CA TYR A 129 13.45 1.40 -21.71
C TYR A 129 13.23 1.92 -23.13
N ASN A 130 12.40 2.95 -23.24
CA ASN A 130 12.16 3.59 -24.51
C ASN A 130 12.89 4.92 -24.48
N VAL A 131 13.97 5.01 -25.26
CA VAL A 131 14.92 6.13 -25.18
C VAL A 131 14.30 7.54 -25.21
N HIS A 132 13.23 7.72 -25.97
CA HIS A 132 12.66 9.06 -26.14
C HIS A 132 11.83 9.53 -24.96
N TRP A 133 11.54 8.65 -23.99
CA TRP A 133 10.75 9.13 -22.84
C TRP A 133 10.92 8.45 -21.52
N ASP A 134 11.41 7.20 -21.50
CA ASP A 134 11.48 6.44 -20.24
C ASP A 134 12.70 6.74 -19.39
N PRO A 135 12.59 6.59 -18.05
CA PRO A 135 13.82 6.42 -17.28
C PRO A 135 14.47 5.08 -17.63
N LYS A 136 15.80 5.01 -17.48
CA LYS A 136 16.55 3.80 -17.88
C LYS A 136 16.16 2.53 -17.14
N PRO A 137 16.10 2.58 -15.80
CA PRO A 137 15.70 1.36 -15.07
C PRO A 137 14.23 1.02 -15.37
N ARG A 138 13.87 -0.27 -15.32
CA ARG A 138 12.45 -0.65 -15.33
C ARG A 138 11.75 0.01 -14.15
N HIS A 139 10.46 0.28 -14.31
CA HIS A 139 9.81 1.28 -13.46
C HIS A 139 8.32 1.08 -13.33
N ILE A 140 7.77 1.52 -12.20
CA ILE A 140 6.33 1.72 -12.08
C ILE A 140 6.11 3.20 -12.38
N GLY A 141 5.16 3.50 -13.25
CA GLY A 141 4.85 4.89 -13.62
C GLY A 141 3.36 5.28 -13.53
N ILE A 142 3.12 6.52 -13.15
CA ILE A 142 1.79 7.14 -13.18
C ILE A 142 1.64 7.96 -14.46
N ASP A 143 0.71 7.56 -15.33
CA ASP A 143 0.55 8.17 -16.64
C ASP A 143 -0.74 8.97 -16.66
N VAL A 144 -0.65 10.23 -17.11
CA VAL A 144 -1.84 11.07 -17.29
C VAL A 144 -1.74 11.68 -18.68
N ASN A 145 -2.56 11.20 -19.62
CA ASN A 145 -2.61 11.75 -20.99
C ASN A 145 -1.30 11.73 -21.81
N SER A 146 -0.33 10.93 -21.34
CA SER A 146 0.97 10.75 -22.00
C SER A 146 1.65 9.43 -21.58
N ILE A 147 2.40 8.83 -22.51
CA ILE A 147 3.28 7.69 -22.23
C ILE A 147 4.48 8.13 -21.38
N LYS A 148 4.70 9.45 -21.32
CA LYS A 148 5.76 9.98 -20.50
C LYS A 148 5.22 10.19 -19.10
N SER A 149 5.54 9.27 -18.18
CA SER A 149 4.95 9.27 -16.84
C SER A 149 5.19 10.57 -16.09
N ILE A 150 4.17 11.03 -15.36
CA ILE A 150 4.32 12.23 -14.53
C ILE A 150 5.21 11.93 -13.34
N LYS A 151 5.24 10.66 -12.94
CA LYS A 151 6.09 10.21 -11.85
C LYS A 151 6.41 8.72 -11.99
N THR A 152 7.64 8.34 -11.65
CA THR A 152 8.09 6.95 -11.75
C THR A 152 8.87 6.53 -10.50
N THR A 153 8.96 5.23 -10.28
CA THR A 153 9.83 4.68 -9.27
C THR A 153 10.47 3.45 -9.87
N THR A 154 11.72 3.21 -9.50
CA THR A 154 12.46 2.03 -9.95
C THR A 154 11.77 0.73 -9.55
N TRP A 155 11.59 -0.14 -10.52
CA TRP A 155 11.04 -1.46 -10.27
C TRP A 155 12.05 -2.52 -10.62
N ASP A 156 12.47 -3.29 -9.62
CA ASP A 156 13.40 -4.39 -9.80
C ASP A 156 12.63 -5.61 -10.28
N PHE A 157 12.34 -5.60 -11.58
CA PHE A 157 11.53 -6.60 -12.24
C PHE A 157 12.26 -7.93 -12.19
N VAL A 158 11.52 -8.99 -11.88
CA VAL A 158 12.06 -10.35 -11.92
C VAL A 158 11.07 -11.23 -12.71
N LYS A 159 11.52 -11.85 -13.80
CA LYS A 159 10.62 -12.63 -14.65
C LYS A 159 9.99 -13.82 -13.91
N GLY A 160 8.73 -14.12 -14.22
CA GLY A 160 8.03 -15.30 -13.69
C GLY A 160 7.64 -15.28 -12.23
N GLU A 161 7.96 -14.21 -11.50
CA GLU A 161 7.51 -14.12 -10.13
C GLU A 161 6.18 -13.36 -10.06
N ASN A 162 5.22 -13.90 -9.32
CA ASN A 162 3.94 -13.25 -9.12
C ASN A 162 4.14 -11.91 -8.42
N ALA A 163 3.57 -10.86 -9.02
CA ALA A 163 3.64 -9.52 -8.47
C ALA A 163 2.25 -9.10 -7.97
N GLU A 164 2.18 -8.62 -6.73
CA GLU A 164 0.91 -8.15 -6.16
C GLU A 164 0.89 -6.64 -6.08
N VAL A 165 -0.10 -6.03 -6.72
CA VAL A 165 -0.14 -4.58 -6.88
C VAL A 165 -1.34 -4.06 -6.08
N LEU A 166 -1.15 -2.91 -5.43
CA LEU A 166 -2.28 -2.15 -4.87
C LEU A 166 -2.17 -0.74 -5.41
N ILE A 167 -3.27 -0.22 -5.95
CA ILE A 167 -3.38 1.17 -6.42
C ILE A 167 -4.56 1.80 -5.70
N THR A 168 -4.36 3.00 -5.13
CA THR A 168 -5.42 3.69 -4.41
C THR A 168 -5.50 5.11 -4.92
N TYR A 169 -6.72 5.65 -4.94
CA TYR A 169 -6.92 7.05 -5.21
C TYR A 169 -7.83 7.67 -4.14
N ASP A 170 -7.33 8.72 -3.50
CA ASP A 170 -8.09 9.45 -2.49
C ASP A 170 -8.58 10.76 -3.10
N SER A 171 -9.86 10.88 -3.37
CA SER A 171 -10.32 12.13 -3.99
C SER A 171 -10.23 13.37 -3.09
N SER A 172 -10.06 13.20 -1.77
CA SER A 172 -9.96 14.39 -0.90
C SER A 172 -8.55 15.02 -0.98
N THR A 173 -7.53 14.18 -1.17
CA THR A 173 -6.13 14.66 -1.28
C THR A 173 -5.66 14.63 -2.74
N LYS A 174 -6.47 14.00 -3.61
CA LYS A 174 -6.19 13.79 -5.04
C LYS A 174 -4.94 12.91 -5.24
N LEU A 175 -4.53 12.21 -4.19
CA LEU A 175 -3.33 11.39 -4.26
C LEU A 175 -3.60 10.01 -4.85
N LEU A 176 -2.86 9.68 -5.90
CA LEU A 176 -2.86 8.34 -6.50
C LEU A 176 -1.60 7.63 -6.05
N VAL A 177 -1.77 6.46 -5.42
CA VAL A 177 -0.62 5.71 -4.90
C VAL A 177 -0.60 4.33 -5.55
N ALA A 178 0.55 3.90 -6.06
CA ALA A 178 0.72 2.55 -6.62
C ALA A 178 1.86 1.83 -5.91
N SER A 179 1.62 0.58 -5.51
CA SER A 179 2.68 -0.20 -4.91
C SER A 179 2.71 -1.61 -5.49
N LEU A 180 3.90 -2.20 -5.50
CA LEU A 180 4.04 -3.56 -6.00
C LEU A 180 4.90 -4.29 -5.01
N VAL A 181 4.48 -5.50 -4.64
CA VAL A 181 5.33 -6.39 -3.84
C VAL A 181 5.51 -7.72 -4.57
N TYR A 182 6.69 -8.31 -4.43
CA TYR A 182 6.93 -9.66 -4.86
C TYR A 182 7.04 -10.48 -3.58
N PRO A 183 5.97 -11.22 -3.21
CA PRO A 183 5.98 -11.91 -1.92
C PRO A 183 7.09 -12.96 -1.74
N SER A 184 7.41 -13.69 -2.80
CA SER A 184 8.44 -14.75 -2.74
C SER A 184 9.84 -14.15 -2.64
N LEU A 185 9.99 -12.90 -3.10
CA LEU A 185 11.27 -12.20 -3.04
C LEU A 185 11.33 -11.23 -1.86
N LYS A 186 10.18 -10.97 -1.25
CA LYS A 186 10.06 -10.03 -0.13
C LYS A 186 10.43 -8.57 -0.49
N THR A 187 10.37 -8.21 -1.77
CA THR A 187 10.72 -6.84 -2.20
C THR A 187 9.47 -5.99 -2.48
N SER A 188 9.61 -4.67 -2.42
CA SER A 188 8.45 -3.79 -2.50
C SER A 188 8.84 -2.43 -3.03
N PHE A 189 7.90 -1.79 -3.71
CA PHE A 189 8.15 -0.57 -4.49
C PHE A 189 6.88 0.27 -4.37
N ILE A 190 7.01 1.59 -4.41
CA ILE A 190 5.87 2.50 -4.23
C ILE A 190 6.12 3.82 -4.96
N VAL A 191 5.07 4.33 -5.62
CA VAL A 191 5.11 5.61 -6.29
C VAL A 191 3.84 6.39 -5.94
N SER A 192 3.92 7.72 -5.85
CA SER A 192 2.76 8.53 -5.47
C SER A 192 2.85 9.92 -6.10
N ASP A 193 1.71 10.36 -6.63
CA ASP A 193 1.55 11.72 -7.18
C ASP A 193 0.08 12.11 -7.14
N THR A 194 -0.20 13.41 -7.21
CA THR A 194 -1.58 13.86 -7.28
C THR A 194 -2.05 13.86 -8.72
N VAL A 195 -3.33 13.55 -8.90
CA VAL A 195 -3.95 13.53 -10.22
C VAL A 195 -5.36 14.13 -10.07
N ASP A 196 -5.69 15.07 -10.94
CA ASP A 196 -7.00 15.71 -10.95
C ASP A 196 -7.89 14.97 -11.96
N LEU A 197 -8.60 13.97 -11.46
CA LEU A 197 -9.40 13.07 -12.32
C LEU A 197 -10.43 13.86 -13.09
N LYS A 198 -11.01 14.86 -12.42
CA LYS A 198 -12.10 15.65 -12.96
C LYS A 198 -11.70 16.44 -14.21
N SER A 199 -10.44 16.89 -14.27
CA SER A 199 -9.92 17.60 -15.45
C SER A 199 -9.46 16.69 -16.59
N VAL A 200 -9.29 15.40 -16.31
CA VAL A 200 -8.70 14.49 -17.30
C VAL A 200 -9.72 13.53 -17.88
N LEU A 201 -10.52 12.92 -16.99
CA LEU A 201 -11.42 11.81 -17.36
C LEU A 201 -12.85 12.30 -17.61
N PRO A 202 -13.59 11.57 -18.47
CA PRO A 202 -15.03 11.82 -18.46
C PRO A 202 -15.64 11.35 -17.12
N GLU A 203 -16.92 11.65 -16.92
CA GLU A 203 -17.59 11.32 -15.68
C GLU A 203 -17.69 9.79 -15.44
N TRP A 204 -17.86 9.05 -16.52
CA TRP A 204 -17.91 7.59 -16.44
C TRP A 204 -16.77 7.01 -17.20
N VAL A 205 -16.21 5.91 -16.70
CA VAL A 205 -15.09 5.29 -17.38
C VAL A 205 -15.26 3.78 -17.42
N ILE A 206 -14.44 3.12 -18.21
CA ILE A 206 -14.23 1.69 -18.04
C ILE A 206 -12.90 1.46 -17.31
N VAL A 207 -12.83 0.44 -16.47
CA VAL A 207 -11.60 0.14 -15.73
C VAL A 207 -11.06 -1.22 -16.16
N GLY A 208 -9.73 -1.37 -16.22
CA GLY A 208 -9.15 -2.68 -16.59
C GLY A 208 -7.67 -2.54 -16.93
N PHE A 209 -7.24 -3.28 -17.96
CA PHE A 209 -5.81 -3.44 -18.22
C PHE A 209 -5.53 -3.32 -19.69
N THR A 210 -4.28 -2.97 -19.99
CA THR A 210 -3.77 -3.01 -21.34
C THR A 210 -2.36 -3.61 -21.25
N ALA A 211 -1.90 -4.26 -22.32
CA ALA A 211 -0.53 -4.81 -22.36
C ALA A 211 -0.06 -5.00 -23.77
N THR A 212 1.26 -4.96 -23.95
CA THR A 212 1.87 -5.22 -25.25
C THR A 212 3.15 -6.03 -25.09
N THR A 213 3.54 -6.70 -26.17
CA THR A 213 4.82 -7.38 -26.25
C THR A 213 5.71 -6.60 -27.23
N GLY A 214 7.03 -6.84 -27.17
CA GLY A 214 7.97 -6.09 -28.02
C GLY A 214 7.70 -6.32 -29.49
N ILE A 215 8.05 -5.33 -30.31
CA ILE A 215 7.94 -5.51 -31.74
C ILE A 215 9.20 -6.18 -32.33
N THR A 216 10.33 -6.06 -31.64
CA THR A 216 11.62 -6.54 -32.13
C THR A 216 12.01 -7.87 -31.50
N LYS A 217 12.33 -8.85 -32.33
CA LYS A 217 12.85 -10.16 -31.88
C LYS A 217 13.78 -10.04 -30.69
N GLY A 218 13.58 -10.87 -29.66
CA GLY A 218 14.39 -10.81 -28.43
C GLY A 218 13.83 -9.94 -27.31
N ASN A 219 12.69 -9.29 -27.57
CA ASN A 219 12.04 -8.44 -26.57
C ASN A 219 10.57 -8.85 -26.45
N VAL A 220 10.25 -9.66 -25.45
CA VAL A 220 8.93 -10.31 -25.42
C VAL A 220 8.62 -10.81 -24.01
N GLU A 221 7.32 -10.94 -23.72
CA GLU A 221 6.88 -11.37 -22.39
C GLU A 221 5.45 -11.88 -22.44
N THR A 222 5.08 -12.69 -21.47
CA THR A 222 3.66 -12.93 -21.18
C THR A 222 3.18 -11.77 -20.29
N ASN A 223 1.90 -11.47 -20.35
CA ASN A 223 1.31 -10.39 -19.53
C ASN A 223 0.01 -10.90 -18.93
N ASP A 224 0.14 -11.73 -17.90
CA ASP A 224 -1.02 -12.45 -17.35
C ASP A 224 -1.50 -11.82 -16.07
N ILE A 225 -2.80 -11.55 -16.00
CA ILE A 225 -3.45 -11.15 -14.75
C ILE A 225 -4.07 -12.41 -14.12
N LEU A 226 -3.79 -12.60 -12.83
CA LEU A 226 -4.15 -13.83 -12.15
C LEU A 226 -5.33 -13.63 -11.17
N SER A 227 -5.46 -12.41 -10.66
CA SER A 227 -6.60 -12.06 -9.81
C SER A 227 -6.76 -10.54 -9.81
N TRP A 228 -7.97 -10.08 -9.49
CA TRP A 228 -8.25 -8.64 -9.56
C TRP A 228 -9.37 -8.32 -8.63
N SER A 229 -9.17 -7.31 -7.79
CA SER A 229 -10.26 -6.73 -6.99
C SER A 229 -10.31 -5.25 -7.26
N PHE A 230 -11.52 -4.71 -7.28
CA PHE A 230 -11.72 -3.27 -7.50
C PHE A 230 -12.82 -2.76 -6.60
N ALA A 231 -12.66 -1.55 -6.05
CA ALA A 231 -13.73 -0.91 -5.31
C ALA A 231 -13.69 0.58 -5.56
N SER A 232 -14.85 1.19 -5.76
CA SER A 232 -14.96 2.65 -5.84
C SER A 232 -16.17 3.17 -5.04
N LYS A 233 -16.11 4.43 -4.63
CA LYS A 233 -17.17 5.03 -3.83
C LYS A 233 -17.27 6.48 -4.26
N LEU A 234 -18.47 6.92 -4.59
CA LEU A 234 -18.69 8.29 -5.02
C LEU A 234 -19.80 8.87 -4.18
N SER A 235 -19.49 9.93 -3.45
CA SER A 235 -20.48 10.51 -2.56
C SER A 235 -21.59 11.12 -3.43
N ASP A 236 -22.84 10.94 -3.01
CA ASP A 236 -23.99 11.54 -3.69
C ASP A 236 -24.66 12.63 -2.85
N GLY A 237 -24.35 12.66 -1.55
CA GLY A 237 -24.93 13.63 -0.61
C GLY A 237 -26.04 13.07 0.27
N THR A 238 -26.32 11.77 0.13
CA THR A 238 -27.37 11.01 0.84
C THR A 238 -28.69 10.96 0.06
N ALA B 1 -13.85 -18.07 9.04
CA ALA B 1 -14.59 -18.39 10.29
C ALA B 1 -14.69 -17.17 11.21
N SER B 2 -13.55 -16.59 11.58
CA SER B 2 -13.54 -15.39 12.42
C SER B 2 -13.14 -14.16 11.61
N GLN B 3 -13.93 -13.10 11.75
CA GLN B 3 -13.61 -11.82 11.13
C GLN B 3 -13.85 -10.71 12.13
N THR B 4 -12.94 -9.75 12.17
CA THR B 4 -13.11 -8.57 12.99
C THR B 4 -12.69 -7.34 12.21
N SER B 5 -13.43 -6.26 12.40
CA SER B 5 -13.18 -5.02 11.71
C SER B 5 -13.65 -3.87 12.58
N PHE B 6 -12.88 -2.79 12.61
CA PHE B 6 -13.32 -1.54 13.21
C PHE B 6 -12.67 -0.37 12.50
N SER B 7 -13.32 0.78 12.58
CA SER B 7 -12.80 1.99 11.96
C SER B 7 -13.26 3.21 12.74
N PHE B 8 -12.29 4.01 13.20
CA PHE B 8 -12.59 5.23 13.95
C PHE B 8 -11.97 6.47 13.31
N GLN B 9 -12.79 7.50 13.09
CA GLN B 9 -12.33 8.79 12.61
C GLN B 9 -12.09 9.73 13.78
N ARG B 10 -12.64 9.36 14.94
CA ARG B 10 -12.47 10.07 16.22
C ARG B 10 -12.42 9.02 17.32
N PHE B 11 -11.66 9.27 18.37
CA PHE B 11 -11.46 8.24 19.39
C PHE B 11 -12.22 8.52 20.68
N ASN B 12 -12.47 7.45 21.42
CA ASN B 12 -13.02 7.56 22.76
C ASN B 12 -12.46 6.46 23.65
N GLU B 13 -12.22 6.81 24.91
CA GLU B 13 -11.58 5.90 25.85
C GLU B 13 -12.41 4.65 26.18
N THR B 14 -13.72 4.74 25.97
CA THR B 14 -14.62 3.65 26.38
C THR B 14 -14.27 2.28 25.79
N ASN B 15 -13.79 2.24 24.54
CA ASN B 15 -13.43 0.97 23.92
C ASN B 15 -11.92 0.79 23.73
N LEU B 16 -11.15 1.62 24.44
CA LEU B 16 -9.69 1.56 24.36
C LEU B 16 -9.07 1.26 25.72
N ILE B 17 -8.02 0.45 25.74
CA ILE B 17 -7.21 0.28 26.93
C ILE B 17 -6.03 1.25 26.86
N LEU B 18 -6.09 2.30 27.67
CA LEU B 18 -5.03 3.31 27.72
C LEU B 18 -3.99 2.94 28.79
N GLN B 19 -2.72 3.17 28.47
CA GLN B 19 -1.63 2.88 29.40
C GLN B 19 -0.69 4.08 29.51
N ARG B 20 -0.08 4.22 30.69
CA ARG B 20 0.83 5.33 31.01
C ARG B 20 0.27 6.69 30.54
N ASP B 21 1.00 7.42 29.71
CA ASP B 21 0.62 8.81 29.34
C ASP B 21 -0.44 8.99 28.25
N ALA B 22 -0.94 7.89 27.69
CA ALA B 22 -1.86 7.96 26.55
C ALA B 22 -3.22 8.51 26.95
N THR B 23 -3.64 9.59 26.29
CA THR B 23 -4.92 10.24 26.53
C THR B 23 -5.74 10.40 25.24
N VAL B 24 -7.06 10.39 25.36
CA VAL B 24 -7.93 10.84 24.26
C VAL B 24 -8.22 12.31 24.47
N SER B 25 -7.83 13.16 23.52
CA SER B 25 -8.07 14.60 23.67
C SER B 25 -9.57 14.88 23.63
N SER B 26 -9.97 16.09 23.98
CA SER B 26 -11.40 16.42 23.95
C SER B 26 -11.87 16.69 22.52
N LYS B 27 -10.95 16.63 21.56
CA LYS B 27 -11.30 16.75 20.14
C LYS B 27 -11.25 15.40 19.44
N GLY B 28 -11.15 14.34 20.25
CA GLY B 28 -11.22 12.96 19.77
C GLY B 28 -9.94 12.38 19.19
N GLN B 29 -8.80 13.02 19.47
CA GLN B 29 -7.49 12.54 19.03
C GLN B 29 -6.84 11.63 20.07
N LEU B 30 -6.11 10.63 19.60
CA LEU B 30 -5.39 9.73 20.48
C LEU B 30 -3.95 10.24 20.68
N ARG B 31 -3.74 11.05 21.72
CA ARG B 31 -2.42 11.56 22.06
C ARG B 31 -1.67 10.52 22.89
N LEU B 32 -0.77 9.79 22.24
CA LEU B 32 -0.09 8.66 22.84
C LEU B 32 0.91 9.08 23.91
N THR B 33 1.53 10.25 23.71
CA THR B 33 2.50 10.78 24.67
C THR B 33 2.09 12.15 25.20
N ASN B 34 2.56 12.48 26.39
CA ASN B 34 2.11 13.67 27.09
C ASN B 34 2.38 14.99 26.37
N VAL B 35 1.36 15.83 26.34
CA VAL B 35 1.49 17.24 25.97
C VAL B 35 1.17 18.04 27.24
N ASN B 36 1.95 19.08 27.52
CA ASN B 36 1.76 19.94 28.70
C ASN B 36 0.44 20.73 28.64
N ASP B 37 0.28 21.68 29.56
CA ASP B 37 -0.91 22.53 29.62
C ASP B 37 -0.95 23.62 28.53
N ASN B 38 0.18 23.86 27.85
CA ASN B 38 0.27 24.94 26.84
C ASN B 38 0.19 24.46 25.39
N GLY B 39 0.46 23.17 25.17
CA GLY B 39 0.55 22.62 23.82
C GLY B 39 2.00 22.33 23.42
N GLU B 40 2.73 21.73 24.35
CA GLU B 40 4.13 21.35 24.13
C GLU B 40 4.32 19.91 24.56
N PRO B 41 4.97 19.09 23.73
CA PRO B 41 5.30 17.75 24.21
C PRO B 41 6.38 17.80 25.29
N THR B 42 6.32 16.87 26.24
CA THR B 42 7.29 16.81 27.35
C THR B 42 8.21 15.60 27.24
N LEU B 43 9.39 15.71 27.84
CA LEU B 43 10.41 14.66 27.74
C LEU B 43 10.03 13.43 28.57
N SER B 44 10.69 12.31 28.27
CA SER B 44 10.52 11.02 28.98
C SER B 44 9.10 10.42 28.99
N SER B 45 8.21 10.92 28.13
CA SER B 45 6.84 10.40 28.05
C SER B 45 6.74 9.06 27.33
N LEU B 46 5.85 8.22 27.83
CA LEU B 46 5.52 6.94 27.23
C LEU B 46 4.03 6.70 27.36
N GLY B 47 3.39 6.30 26.28
CA GLY B 47 1.97 5.94 26.30
C GLY B 47 1.66 4.87 25.29
N ARG B 48 0.79 3.94 25.67
CA ARG B 48 0.34 2.86 24.81
C ARG B 48 -1.20 2.81 24.81
N ALA B 49 -1.79 2.53 23.65
CA ALA B 49 -3.25 2.43 23.52
C ALA B 49 -3.67 1.23 22.67
N PHE B 50 -4.64 0.47 23.16
CA PHE B 50 -5.11 -0.74 22.50
C PHE B 50 -6.63 -0.79 22.37
N TYR B 51 -7.09 -1.43 21.29
CA TYR B 51 -8.50 -1.80 21.16
C TYR B 51 -8.83 -2.75 22.32
N SER B 52 -10.01 -2.56 22.94
CA SER B 52 -10.32 -3.26 24.20
C SER B 52 -10.63 -4.76 24.06
N ALA B 53 -10.90 -5.23 22.85
CA ALA B 53 -11.15 -6.66 22.61
C ALA B 53 -9.92 -7.36 22.01
N PRO B 54 -9.56 -8.53 22.57
CA PRO B 54 -8.45 -9.32 22.03
C PRO B 54 -8.78 -9.85 20.64
N ILE B 55 -7.77 -9.95 19.79
CA ILE B 55 -7.90 -10.46 18.44
C ILE B 55 -7.21 -11.80 18.33
N GLN B 56 -7.86 -12.79 17.72
CA GLN B 56 -7.22 -14.07 17.51
C GLN B 56 -6.35 -14.06 16.25
N ILE B 57 -5.05 -14.25 16.44
CA ILE B 57 -4.07 -14.20 15.35
C ILE B 57 -3.80 -15.57 14.71
N TRP B 58 -3.90 -16.63 15.51
CA TRP B 58 -3.76 -18.00 15.00
C TRP B 58 -4.40 -19.02 15.90
N ASP B 59 -4.54 -20.25 15.41
CA ASP B 59 -5.24 -21.32 16.12
C ASP B 59 -4.44 -22.61 16.13
N ASN B 60 -4.13 -23.11 17.33
CA ASN B 60 -3.28 -24.30 17.50
C ASN B 60 -3.96 -25.61 17.12
N THR B 61 -5.30 -25.62 17.16
CA THR B 61 -6.05 -26.81 16.73
C THR B 61 -5.99 -26.99 15.21
N THR B 62 -6.29 -25.92 14.48
CA THR B 62 -6.35 -25.98 13.01
C THR B 62 -5.00 -25.68 12.35
N GLY B 63 -4.18 -24.89 13.05
CA GLY B 63 -2.90 -24.42 12.51
C GLY B 63 -3.01 -23.12 11.71
N ALA B 64 -4.24 -22.64 11.49
CA ALA B 64 -4.50 -21.45 10.66
C ALA B 64 -3.98 -20.18 11.30
N VAL B 65 -3.46 -19.29 10.46
CA VAL B 65 -2.95 -18.00 10.89
C VAL B 65 -3.78 -16.90 10.22
N ALA B 66 -4.06 -15.85 10.97
CA ALA B 66 -4.89 -14.76 10.48
C ALA B 66 -4.14 -13.94 9.44
N SER B 67 -4.89 -13.40 8.47
CA SER B 67 -4.40 -12.28 7.69
C SER B 67 -5.02 -11.05 8.33
N PHE B 68 -4.31 -9.93 8.28
CA PHE B 68 -4.87 -8.69 8.79
C PHE B 68 -4.39 -7.49 7.99
N ALA B 69 -5.04 -6.37 8.22
CA ALA B 69 -4.62 -5.11 7.67
C ALA B 69 -4.98 -4.03 8.66
N THR B 70 -4.18 -2.97 8.69
CA THR B 70 -4.50 -1.81 9.50
C THR B 70 -4.09 -0.56 8.77
N SER B 71 -4.89 0.50 8.93
CA SER B 71 -4.54 1.80 8.39
C SER B 71 -4.75 2.83 9.47
N PHE B 72 -3.88 3.84 9.48
CA PHE B 72 -4.01 4.94 10.43
C PHE B 72 -3.36 6.20 9.92
N THR B 73 -3.92 7.33 10.36
CA THR B 73 -3.31 8.64 10.11
C THR B 73 -2.67 9.12 11.42
N PHE B 74 -1.45 9.63 11.32
CA PHE B 74 -0.75 10.15 12.50
C PHE B 74 -0.09 11.48 12.24
N ASN B 75 0.09 12.24 13.32
CA ASN B 75 0.76 13.52 13.23
C ASN B 75 1.84 13.61 14.30
N ILE B 76 3.09 13.63 13.84
CA ILE B 76 4.23 13.84 14.71
C ILE B 76 4.70 15.27 14.47
N ASP B 77 4.66 16.08 15.53
CA ASP B 77 5.08 17.47 15.45
C ASP B 77 6.21 17.71 16.43
N VAL B 78 7.03 18.72 16.14
CA VAL B 78 8.23 19.02 16.94
C VAL B 78 8.30 20.52 17.24
N PRO B 79 8.52 20.88 18.53
CA PRO B 79 8.70 22.30 18.87
C PRO B 79 9.95 22.89 18.21
N ASN B 80 9.96 24.22 18.04
CA ASN B 80 11.13 24.90 17.48
C ASN B 80 12.37 24.80 18.37
N ASN B 81 13.53 24.88 17.75
CA ASN B 81 14.82 24.62 18.41
C ASN B 81 14.84 23.27 19.12
N SER B 82 14.19 22.29 18.50
CA SER B 82 14.19 20.91 18.96
C SER B 82 14.18 19.96 17.77
N GLY B 83 14.61 18.73 18.02
CA GLY B 83 14.53 17.65 17.04
C GLY B 83 13.55 16.60 17.55
N PRO B 84 13.15 15.67 16.66
CA PRO B 84 12.19 14.64 17.05
C PRO B 84 12.82 13.45 17.77
N ALA B 85 12.02 12.84 18.66
CA ALA B 85 12.35 11.58 19.33
C ALA B 85 11.12 11.15 20.13
N ASP B 86 10.89 9.85 20.33
CA ASP B 86 11.68 8.76 19.74
C ASP B 86 10.91 7.97 18.66
N GLY B 87 9.61 8.24 18.52
CA GLY B 87 8.78 7.62 17.49
C GLY B 87 7.55 6.89 18.03
N LEU B 88 6.79 6.31 17.10
CA LEU B 88 5.61 5.52 17.47
C LEU B 88 5.56 4.22 16.68
N ALA B 89 4.87 3.23 17.20
CA ALA B 89 4.75 1.95 16.54
C ALA B 89 3.32 1.43 16.64
N PHE B 90 2.91 0.68 15.62
CA PHE B 90 1.74 -0.18 15.73
C PHE B 90 2.20 -1.54 16.21
N VAL B 91 1.47 -2.15 17.14
CA VAL B 91 1.94 -3.40 17.73
C VAL B 91 0.89 -4.49 17.85
N LEU B 92 1.37 -5.73 17.85
CA LEU B 92 0.61 -6.89 18.30
C LEU B 92 1.32 -7.49 19.52
N LEU B 93 0.59 -7.63 20.62
CA LEU B 93 1.16 -8.03 21.91
C LEU B 93 0.24 -9.00 22.66
N PRO B 94 0.80 -9.80 23.61
CA PRO B 94 -0.05 -10.69 24.42
C PRO B 94 -1.09 -9.91 25.23
N VAL B 95 -2.23 -10.55 25.50
CA VAL B 95 -3.29 -9.93 26.30
C VAL B 95 -2.74 -9.56 27.68
N GLY B 96 -2.96 -8.32 28.12
CA GLY B 96 -2.54 -7.88 29.45
C GLY B 96 -1.13 -7.28 29.56
N SER B 97 -0.45 -7.16 28.43
CA SER B 97 0.92 -6.63 28.38
C SER B 97 1.04 -5.23 29.00
N GLN B 98 2.17 -5.02 29.70
CA GLN B 98 2.47 -3.74 30.35
C GLN B 98 3.59 -3.00 29.64
N PRO B 99 3.61 -1.66 29.74
CA PRO B 99 4.69 -0.88 29.12
C PRO B 99 6.08 -1.31 29.62
N LYS B 100 7.06 -1.28 28.72
CA LYS B 100 8.44 -1.61 29.06
C LYS B 100 9.22 -0.30 29.14
N ASP B 101 10.52 -0.34 28.89
CA ASP B 101 11.36 0.87 29.01
C ASP B 101 11.04 1.91 27.95
N LYS B 102 11.11 3.18 28.35
CA LYS B 102 10.79 4.30 27.46
C LYS B 102 11.92 4.62 26.49
N GLY B 103 11.94 5.86 25.98
CA GLY B 103 12.97 6.32 25.07
C GLY B 103 13.00 5.56 23.74
N GLY B 104 14.21 5.22 23.31
CA GLY B 104 14.40 4.52 22.05
C GLY B 104 13.96 3.07 22.06
N LEU B 105 13.50 2.58 23.22
CA LEU B 105 13.00 1.21 23.30
C LEU B 105 11.48 1.15 23.09
N LEU B 106 10.90 2.33 22.88
CA LEU B 106 9.49 2.54 22.47
C LEU B 106 8.42 1.93 23.38
N GLY B 107 8.81 1.62 24.62
CA GLY B 107 7.88 1.04 25.59
C GLY B 107 7.65 -0.43 25.31
N LEU B 108 8.49 -0.99 24.45
CA LEU B 108 8.32 -2.37 24.04
C LEU B 108 9.41 -3.30 24.52
N PHE B 109 10.57 -2.74 24.86
CA PHE B 109 11.73 -3.56 25.24
C PHE B 109 12.51 -3.01 26.46
N ASN B 110 13.26 -3.90 27.10
CA ASN B 110 14.12 -3.55 28.25
C ASN B 110 15.55 -3.20 27.84
N ASN B 111 15.96 -3.75 26.69
CA ASN B 111 17.31 -3.61 26.15
C ASN B 111 17.27 -3.73 24.64
N TYR B 112 18.42 -3.59 23.98
CA TYR B 112 18.47 -3.68 22.52
C TYR B 112 18.94 -5.04 22.01
N LYS B 113 18.74 -6.06 22.85
CA LYS B 113 19.08 -7.44 22.49
C LYS B 113 17.83 -8.20 22.09
N TYR B 114 18.02 -9.25 21.31
CA TYR B 114 16.92 -10.08 20.85
C TYR B 114 16.34 -10.91 21.99
N ASP B 115 15.04 -10.73 22.23
CA ASP B 115 14.35 -11.43 23.30
C ASP B 115 13.26 -12.33 22.72
N SER B 116 13.52 -13.64 22.70
CA SER B 116 12.61 -14.61 22.09
C SER B 116 11.34 -14.91 22.90
N ASN B 117 11.19 -14.25 24.04
CA ASN B 117 9.99 -14.36 24.88
C ASN B 117 9.29 -13.02 25.06
N ALA B 118 9.71 -12.04 24.25
CA ALA B 118 9.07 -10.72 24.21
C ALA B 118 7.71 -10.77 23.52
N HIS B 119 7.50 -11.81 22.70
CA HIS B 119 6.26 -12.00 21.94
C HIS B 119 5.74 -10.74 21.30
N THR B 120 6.64 -10.03 20.60
CA THR B 120 6.31 -8.74 20.01
C THR B 120 6.50 -8.70 18.48
N VAL B 121 5.43 -8.37 17.77
CA VAL B 121 5.50 -7.95 16.36
C VAL B 121 5.07 -6.49 16.26
N ALA B 122 5.95 -5.64 15.74
CA ALA B 122 5.66 -4.21 15.65
C ALA B 122 6.13 -3.58 14.35
N VAL B 123 5.46 -2.51 13.92
CA VAL B 123 5.97 -1.70 12.82
C VAL B 123 6.27 -0.35 13.41
N GLU B 124 7.55 0.01 13.41
CA GLU B 124 7.99 1.24 14.04
C GLU B 124 8.17 2.36 13.04
N PHE B 125 7.88 3.56 13.51
CA PHE B 125 8.18 4.78 12.83
C PHE B 125 9.21 5.54 13.67
N ASP B 126 10.48 5.35 13.31
CA ASP B 126 11.61 5.73 14.16
C ASP B 126 12.18 7.12 13.80
N THR B 127 12.01 8.09 14.70
CA THR B 127 12.45 9.46 14.46
C THR B 127 13.84 9.80 15.04
N LEU B 128 14.42 8.87 15.77
CA LEU B 128 15.72 9.13 16.38
C LEU B 128 16.68 7.97 16.23
N TYR B 129 17.81 8.29 15.61
CA TYR B 129 18.91 7.37 15.42
C TYR B 129 19.52 6.92 16.74
N ASN B 130 19.35 5.65 17.08
CA ASN B 130 20.03 5.10 18.22
C ASN B 130 21.28 4.37 17.76
N VAL B 131 22.42 4.99 18.04
CA VAL B 131 23.75 4.58 17.56
C VAL B 131 24.02 3.08 17.71
N HIS B 132 23.45 2.45 18.72
CA HIS B 132 23.74 1.03 19.02
C HIS B 132 23.00 0.00 18.21
N TRP B 133 21.96 0.41 17.46
CA TRP B 133 21.13 -0.55 16.73
C TRP B 133 20.41 -0.06 15.48
N ASP B 134 20.18 1.25 15.37
CA ASP B 134 19.42 1.83 14.26
C ASP B 134 20.29 2.13 13.05
N PRO B 135 19.68 2.12 11.84
CA PRO B 135 20.30 2.82 10.71
C PRO B 135 20.31 4.31 10.98
N LYS B 136 21.21 5.02 10.30
CA LYS B 136 21.42 6.45 10.56
C LYS B 136 20.22 7.31 10.17
N PRO B 137 19.67 7.11 8.95
CA PRO B 137 18.53 7.95 8.62
C PRO B 137 17.25 7.49 9.32
N ARG B 138 16.31 8.40 9.49
CA ARG B 138 14.99 8.06 10.01
C ARG B 138 14.34 6.97 9.14
N HIS B 139 13.58 6.09 9.77
CA HIS B 139 13.19 4.83 9.14
C HIS B 139 11.85 4.31 9.57
N ILE B 140 11.28 3.46 8.72
CA ILE B 140 10.20 2.59 9.10
C ILE B 140 10.82 1.23 9.27
N GLY B 141 10.49 0.54 10.37
CA GLY B 141 11.09 -0.75 10.69
C GLY B 141 10.06 -1.79 11.03
N ILE B 142 10.37 -3.03 10.70
CA ILE B 142 9.58 -4.17 11.11
C ILE B 142 10.32 -4.83 12.28
N ASP B 143 9.72 -4.73 13.46
CA ASP B 143 10.34 -5.25 14.70
C ASP B 143 9.71 -6.56 15.12
N VAL B 144 10.56 -7.58 15.31
CA VAL B 144 10.13 -8.89 15.75
C VAL B 144 11.01 -9.32 16.94
N ASN B 145 10.42 -9.26 18.14
CA ASN B 145 11.10 -9.63 19.39
C ASN B 145 12.38 -8.84 19.69
N SER B 146 12.55 -7.70 19.03
CA SER B 146 13.75 -6.89 19.17
C SER B 146 13.51 -5.49 18.65
N ILE B 147 14.15 -4.52 19.30
CA ILE B 147 14.18 -3.13 18.84
C ILE B 147 15.09 -2.92 17.62
N LYS B 148 15.90 -3.94 17.31
CA LYS B 148 16.73 -3.89 16.12
C LYS B 148 15.92 -4.51 14.99
N SER B 149 15.39 -3.66 14.12
CA SER B 149 14.44 -4.09 13.09
C SER B 149 14.99 -5.22 12.24
N ILE B 150 14.15 -6.19 11.90
CA ILE B 150 14.57 -7.21 10.93
C ILE B 150 14.73 -6.61 9.54
N LYS B 151 14.06 -5.48 9.31
CA LYS B 151 14.15 -4.77 8.04
C LYS B 151 13.63 -3.35 8.19
N THR B 152 14.24 -2.41 7.48
CA THR B 152 13.89 -1.01 7.58
C THR B 152 13.90 -0.42 6.19
N THR B 153 13.25 0.72 6.03
CA THR B 153 13.44 1.52 4.82
C THR B 153 13.60 2.96 5.24
N THR B 154 14.26 3.76 4.42
CA THR B 154 14.42 5.18 4.71
C THR B 154 13.11 5.96 4.72
N TRP B 155 12.89 6.72 5.78
CA TRP B 155 11.70 7.55 5.93
C TRP B 155 12.10 8.99 6.03
N ASP B 156 11.69 9.79 5.03
CA ASP B 156 11.94 11.22 5.00
C ASP B 156 10.89 11.94 5.85
N PHE B 157 11.07 11.83 7.17
CA PHE B 157 10.17 12.45 8.14
C PHE B 157 10.09 13.94 7.95
N VAL B 158 8.87 14.48 8.01
CA VAL B 158 8.62 15.92 8.01
C VAL B 158 7.63 16.25 9.14
N LYS B 159 8.00 17.21 9.99
CA LYS B 159 7.23 17.53 11.19
C LYS B 159 5.86 18.12 10.86
N GLY B 160 4.85 17.76 11.66
CA GLY B 160 3.52 18.37 11.57
C GLY B 160 2.70 18.06 10.33
N GLU B 161 3.20 17.17 9.48
CA GLU B 161 2.47 16.71 8.30
C GLU B 161 1.77 15.40 8.60
N ASN B 162 0.48 15.35 8.26
CA ASN B 162 -0.29 14.14 8.43
C ASN B 162 0.31 12.99 7.62
N ALA B 163 0.50 11.85 8.27
CA ALA B 163 1.05 10.66 7.63
C ALA B 163 0.02 9.55 7.63
N GLU B 164 -0.17 8.95 6.46
CA GLU B 164 -1.14 7.88 6.27
C GLU B 164 -0.41 6.57 6.10
N VAL B 165 -0.73 5.63 6.97
CA VAL B 165 -0.03 4.36 7.02
C VAL B 165 -0.94 3.21 6.61
N LEU B 166 -0.39 2.27 5.84
CA LEU B 166 -1.06 1.00 5.62
C LEU B 166 -0.14 -0.16 5.97
N ILE B 167 -0.63 -1.06 6.82
CA ILE B 167 0.10 -2.27 7.19
C ILE B 167 -0.74 -3.49 6.86
N THR B 168 -0.16 -4.45 6.14
CA THR B 168 -0.90 -5.65 5.77
C THR B 168 -0.07 -6.89 6.10
N TYR B 169 -0.76 -7.95 6.45
CA TYR B 169 -0.14 -9.23 6.71
C TYR B 169 -0.89 -10.29 5.96
N ASP B 170 -0.19 -10.97 5.08
CA ASP B 170 -0.78 -12.04 4.30
C ASP B 170 -0.32 -13.36 4.88
N SER B 171 -1.23 -14.09 5.53
CA SER B 171 -0.84 -15.36 6.19
C SER B 171 -0.39 -16.46 5.23
N SER B 172 -0.85 -16.40 3.98
CA SER B 172 -0.48 -17.41 2.99
C SER B 172 0.99 -17.27 2.54
N THR B 173 1.49 -16.03 2.51
CA THR B 173 2.88 -15.76 2.13
C THR B 173 3.74 -15.37 3.34
N LYS B 174 3.11 -15.29 4.51
CA LYS B 174 3.75 -14.76 5.75
C LYS B 174 4.36 -13.36 5.58
N LEU B 175 3.93 -12.63 4.54
CA LEU B 175 4.51 -11.32 4.26
C LEU B 175 3.84 -10.16 5.00
N LEU B 176 4.67 -9.38 5.69
CA LEU B 176 4.22 -8.17 6.34
C LEU B 176 4.73 -6.97 5.55
N VAL B 177 3.81 -6.09 5.15
CA VAL B 177 4.15 -4.91 4.35
C VAL B 177 3.68 -3.65 5.05
N ALA B 178 4.52 -2.64 5.09
CA ALA B 178 4.14 -1.37 5.69
C ALA B 178 4.53 -0.24 4.77
N SER B 179 3.60 0.68 4.57
CA SER B 179 3.82 1.82 3.71
C SER B 179 3.31 3.06 4.41
N LEU B 180 3.90 4.20 4.08
CA LEU B 180 3.50 5.48 4.63
C LEU B 180 3.47 6.47 3.49
N VAL B 181 2.43 7.29 3.43
CA VAL B 181 2.41 8.38 2.47
C VAL B 181 2.19 9.70 3.19
N TYR B 182 2.78 10.76 2.67
CA TYR B 182 2.49 12.12 3.12
C TYR B 182 1.69 12.76 2.01
N PRO B 183 0.35 12.81 2.16
CA PRO B 183 -0.45 13.26 1.03
C PRO B 183 -0.14 14.67 0.51
N SER B 184 0.21 15.59 1.40
CA SER B 184 0.44 16.98 1.00
C SER B 184 1.84 17.16 0.41
N LEU B 185 2.72 16.21 0.67
CA LEU B 185 4.07 16.23 0.09
C LEU B 185 4.19 15.29 -1.11
N LYS B 186 3.22 14.37 -1.23
CA LYS B 186 3.18 13.39 -2.34
C LYS B 186 4.35 12.40 -2.28
N THR B 187 4.88 12.17 -1.07
CA THR B 187 5.99 11.25 -0.90
C THR B 187 5.50 9.93 -0.31
N SER B 188 6.21 8.85 -0.62
CA SER B 188 5.77 7.54 -0.19
C SER B 188 6.94 6.61 0.13
N PHE B 189 6.68 5.67 1.02
CA PHE B 189 7.72 4.79 1.55
C PHE B 189 7.12 3.42 1.80
N ILE B 190 7.88 2.37 1.53
CA ILE B 190 7.40 1.01 1.70
C ILE B 190 8.53 0.08 2.21
N VAL B 191 8.18 -0.80 3.14
CA VAL B 191 9.09 -1.85 3.60
C VAL B 191 8.34 -3.15 3.70
N SER B 192 8.98 -4.25 3.37
CA SER B 192 8.35 -5.56 3.39
C SER B 192 9.33 -6.63 3.86
N ASP B 193 8.81 -7.62 4.57
CA ASP B 193 9.60 -8.78 5.01
C ASP B 193 8.67 -9.86 5.53
N THR B 194 9.12 -11.12 5.57
CA THR B 194 8.29 -12.18 6.13
C THR B 194 8.39 -12.24 7.66
N VAL B 195 7.26 -12.53 8.32
CA VAL B 195 7.21 -12.73 9.76
C VAL B 195 6.36 -13.96 10.04
N ASP B 196 6.92 -14.88 10.81
CA ASP B 196 6.18 -16.06 11.19
C ASP B 196 5.47 -15.78 12.53
N LEU B 197 4.19 -15.42 12.42
CA LEU B 197 3.39 -15.04 13.58
C LEU B 197 3.20 -16.19 14.58
N LYS B 198 3.06 -17.40 14.05
CA LYS B 198 2.76 -18.60 14.81
C LYS B 198 3.84 -18.96 15.85
N SER B 199 5.09 -18.59 15.58
CA SER B 199 6.19 -18.91 16.49
C SER B 199 6.63 -17.70 17.31
N VAL B 200 6.05 -16.53 17.05
CA VAL B 200 6.39 -15.31 17.78
C VAL B 200 5.29 -14.86 18.77
N LEU B 201 4.03 -14.91 18.35
CA LEU B 201 2.92 -14.33 19.11
C LEU B 201 2.03 -15.40 19.75
N PRO B 202 1.42 -15.07 20.91
CA PRO B 202 0.41 -15.99 21.44
C PRO B 202 -0.77 -16.11 20.46
N GLU B 203 -1.69 -17.02 20.72
CA GLU B 203 -2.86 -17.20 19.85
C GLU B 203 -3.79 -15.99 19.83
N TRP B 204 -3.81 -15.26 20.93
CA TRP B 204 -4.65 -14.07 21.06
C TRP B 204 -3.79 -12.91 21.44
N VAL B 205 -4.05 -11.79 20.79
CA VAL B 205 -3.24 -10.60 20.95
C VAL B 205 -4.10 -9.38 21.16
N ILE B 206 -3.47 -8.29 21.60
CA ILE B 206 -4.10 -6.98 21.58
C ILE B 206 -3.38 -6.16 20.52
N VAL B 207 -4.16 -5.37 19.77
CA VAL B 207 -3.59 -4.53 18.72
C VAL B 207 -3.70 -3.08 19.14
N GLY B 208 -2.74 -2.28 18.73
CA GLY B 208 -2.75 -0.86 19.03
C GLY B 208 -1.44 -0.17 18.82
N PHE B 209 -1.16 0.83 19.66
CA PHE B 209 -0.02 1.70 19.46
C PHE B 209 0.84 1.84 20.72
N THR B 210 2.07 2.30 20.51
CA THR B 210 2.99 2.67 21.57
C THR B 210 3.79 3.84 21.02
N ALA B 211 4.14 4.78 21.87
CA ALA B 211 4.97 5.91 21.46
C ALA B 211 5.82 6.40 22.63
N THR B 212 6.89 7.13 22.31
CA THR B 212 7.76 7.72 23.33
C THR B 212 8.27 9.09 22.90
N THR B 213 8.61 9.92 23.88
CA THR B 213 9.36 11.15 23.64
C THR B 213 10.80 10.94 24.09
N GLY B 214 11.71 11.76 23.56
CA GLY B 214 13.13 11.67 23.92
C GLY B 214 13.36 12.04 25.38
N ILE B 215 14.36 11.40 25.99
CA ILE B 215 14.70 11.67 27.38
C ILE B 215 15.68 12.83 27.56
N THR B 216 16.33 13.26 26.48
CA THR B 216 17.34 14.32 26.51
C THR B 216 16.81 15.62 25.92
N LYS B 217 16.92 16.70 26.68
CA LYS B 217 16.52 18.05 26.24
C LYS B 217 16.79 18.29 24.76
N GLY B 218 15.79 18.78 24.05
CA GLY B 218 15.93 19.09 22.62
C GLY B 218 15.48 17.97 21.68
N ASN B 219 15.18 16.80 22.25
CA ASN B 219 14.65 15.67 21.48
C ASN B 219 13.26 15.27 21.94
N VAL B 220 12.25 15.87 21.31
CA VAL B 220 10.87 15.69 21.74
C VAL B 220 9.86 15.80 20.58
N GLU B 221 8.71 15.18 20.72
CA GLU B 221 7.65 15.23 19.71
C GLU B 221 6.27 14.87 20.26
N THR B 222 5.23 15.39 19.60
CA THR B 222 3.87 14.86 19.77
C THR B 222 3.73 13.58 18.93
N ASN B 223 2.98 12.61 19.47
CA ASN B 223 2.71 11.36 18.78
C ASN B 223 1.21 11.12 18.74
N ASP B 224 0.53 11.77 17.80
CA ASP B 224 -0.93 11.77 17.74
C ASP B 224 -1.50 10.85 16.67
N ILE B 225 -2.44 9.99 17.07
CA ILE B 225 -3.22 9.20 16.10
C ILE B 225 -4.56 9.89 15.82
N LEU B 226 -4.79 10.23 14.55
CA LEU B 226 -6.00 10.97 14.13
C LEU B 226 -7.16 10.08 13.65
N SER B 227 -6.83 8.89 13.14
CA SER B 227 -7.86 7.90 12.73
C SER B 227 -7.23 6.51 12.59
N TRP B 228 -8.05 5.47 12.74
CA TRP B 228 -7.55 4.11 12.76
C TRP B 228 -8.56 3.10 12.30
N SER B 229 -8.18 2.28 11.32
CA SER B 229 -8.97 1.14 10.88
C SER B 229 -8.18 -0.15 10.99
N PHE B 230 -8.84 -1.22 11.38
CA PHE B 230 -8.23 -2.54 11.52
C PHE B 230 -9.18 -3.61 10.97
N ALA B 231 -8.63 -4.64 10.35
CA ALA B 231 -9.42 -5.80 9.94
C ALA B 231 -8.59 -7.06 10.02
N SER B 232 -9.18 -8.14 10.48
CA SER B 232 -8.52 -9.43 10.43
C SER B 232 -9.50 -10.53 10.09
N LYS B 233 -8.96 -11.63 9.59
CA LYS B 233 -9.74 -12.77 9.13
C LYS B 233 -8.95 -14.04 9.39
N LEU B 234 -9.58 -14.99 10.05
CA LEU B 234 -8.94 -16.25 10.42
C LEU B 234 -9.83 -17.36 9.89
N SER B 235 -9.31 -18.24 9.06
CA SER B 235 -10.13 -19.33 8.55
C SER B 235 -9.92 -20.61 9.36
N LEU B 243 -6.79 -11.03 2.81
CA LEU B 243 -7.77 -9.93 2.84
C LEU B 243 -7.97 -9.30 1.47
N ASN B 244 -9.19 -8.79 1.23
CA ASN B 244 -9.46 -7.95 0.07
C ASN B 244 -8.95 -6.53 0.38
N LEU B 245 -7.80 -6.19 -0.18
CA LEU B 245 -7.13 -4.91 0.13
C LEU B 245 -7.76 -3.71 -0.58
N ALA B 246 -8.34 -3.94 -1.77
CA ALA B 246 -9.04 -2.90 -2.49
C ALA B 246 -10.23 -2.43 -1.63
N ASN B 247 -10.98 -3.37 -1.06
CA ASN B 247 -12.06 -3.04 -0.12
C ASN B 247 -11.56 -2.36 1.14
N PHE B 248 -10.55 -2.94 1.78
CA PHE B 248 -10.05 -2.37 3.01
C PHE B 248 -9.57 -0.90 2.87
N ALA B 249 -8.65 -0.64 1.95
CA ALA B 249 -8.07 0.69 1.76
C ALA B 249 -9.12 1.80 1.52
N LEU B 250 -10.28 1.44 0.99
CA LEU B 250 -11.30 2.42 0.63
C LEU B 250 -11.99 3.09 1.82
C1 MAN C . 9.93 1.71 -31.82
C2 MAN C . 9.54 0.66 -30.77
C3 MAN C . 8.11 0.87 -30.30
C4 MAN C . 7.97 2.29 -29.73
C5 MAN C . 8.42 3.30 -30.79
C6 MAN C . 8.47 4.73 -30.27
O1 MAN C . 9.19 1.57 -33.02
O2 MAN C . 10.37 0.81 -29.63
O3 MAN C . 7.80 -0.10 -29.31
O4 MAN C . 6.66 2.55 -29.27
O5 MAN C . 9.73 3.00 -31.27
O6 MAN C . 8.26 5.59 -31.37
C1 NAG C . 11.53 -0.03 -29.68
C2 NAG C . 12.68 0.71 -29.01
C3 NAG C . 13.96 -0.14 -28.91
C4 NAG C . 13.64 -1.55 -28.38
C5 NAG C . 12.43 -2.17 -29.13
C6 NAG C . 12.01 -3.51 -28.54
C7 NAG C . 12.61 3.13 -29.29
C8 NAG C . 12.94 4.26 -30.22
N2 NAG C . 12.92 1.92 -29.76
O3 NAG C . 14.92 0.47 -28.06
O4 NAG C . 14.81 -2.36 -28.45
O5 NAG C . 11.31 -1.29 -29.10
O6 NAG C . 10.96 -4.08 -29.32
O7 NAG C . 12.11 3.34 -28.16
C1 MAN D . 19.75 6.31 26.09
C2 MAN D . 18.63 6.96 25.25
C3 MAN D . 17.38 6.10 25.22
C4 MAN D . 17.74 4.69 24.73
C5 MAN D . 18.90 4.11 25.55
C6 MAN D . 19.41 2.82 24.92
O1 MAN D . 19.48 6.33 27.49
O2 MAN D . 19.08 7.05 23.91
O3 MAN D . 16.42 6.68 24.37
O4 MAN D . 16.62 3.84 24.79
O5 MAN D . 20.02 4.99 25.61
O6 MAN D . 20.09 2.07 25.89
C1 NAG D . 19.62 8.35 23.63
C2 NAG D . 20.67 8.23 22.53
C3 NAG D . 21.20 9.63 22.19
C4 NAG D . 20.03 10.55 21.83
C5 NAG D . 19.06 10.57 23.02
C6 NAG D . 17.84 11.47 22.83
C7 NAG D . 21.83 6.03 22.63
C8 NAG D . 23.01 5.28 23.19
N2 NAG D . 21.73 7.33 22.96
O3 NAG D . 22.11 9.56 21.11
O4 NAG D . 20.48 11.85 21.45
O5 NAG D . 18.59 9.25 23.27
O6 NAG D . 16.89 11.21 23.84
O7 NAG D . 21.03 5.43 21.90
C1 NAG E . -16.85 -18.90 -19.13
C2 NAG E . -16.12 -20.15 -19.66
C3 NAG E . -16.81 -20.58 -20.96
C4 NAG E . -18.26 -20.98 -20.66
C5 NAG E . -18.97 -19.90 -19.82
C6 NAG E . -20.10 -20.60 -19.09
C7 NAG E . -13.82 -20.29 -18.84
C8 NAG E . -12.36 -20.06 -19.15
N2 NAG E . -14.68 -19.98 -19.82
O3 NAG E . -16.15 -21.67 -21.58
O4 NAG E . -18.96 -21.24 -21.86
O5 NAG E . -18.18 -19.25 -18.82
O6 NAG E . -21.11 -19.66 -18.89
O7 NAG E . -14.15 -20.72 -17.73
MN MN F . 7.61 4.01 -18.91
CA CA G . 8.70 1.55 -21.97
C1 NAG H . -16.23 9.60 25.41
C2 NAG H . -16.32 11.07 25.05
C3 NAG H . -16.87 11.85 26.24
C4 NAG H . -18.21 11.28 26.70
C5 NAG H . -18.29 9.74 26.67
C6 NAG H . -19.75 9.33 26.53
C7 NAG H . -14.91 12.32 23.49
C8 NAG H . -13.52 12.79 23.13
N2 NAG H . -15.03 11.59 24.60
O3 NAG H . -17.04 13.21 25.88
O4 NAG H . -18.50 11.72 28.02
O5 NAG H . -17.55 9.13 25.61
O6 NAG H . -19.90 8.01 26.98
O7 NAG H . -15.85 12.61 22.75
MN MN I . 14.71 1.95 14.65
CA CA J . 15.41 4.84 17.31
#